data_1Z57
#
_entry.id   1Z57
#
_cell.length_a   92.277
_cell.length_b   64.434
_cell.length_c   80.112
_cell.angle_alpha   90.00
_cell.angle_beta   119.19
_cell.angle_gamma   90.00
#
_symmetry.space_group_name_H-M   'C 1 2 1'
#
loop_
_entity.id
_entity.type
_entity.pdbx_description
1 polymer 'Dual specificity protein kinase CLK1'
2 non-polymer DEBROMOHYMENIALDISINE
3 water water
#
_entity_poly.entity_id   1
_entity_poly.type   'polypeptide(L)'
_entity_poly.pdbx_seq_one_letter_code
;SMHLICQSGDVLSARYEIVDTLGEGAFGKVVECIDHKAGGRHVAVKIVKNVDRYCEAARSEIQVLEHLNTTDPNSTFRCV
QMLEWFEHHGHICIVFELLGLSTYDFIKENGFLPFRLDHIRKMAYQICKSVNFLHSNKLTHTDLKPENILFVQSDYTEAY
NPKIKRDERTLINPDIKVVDFGSATYDDEHHSTLVSTRHYRAPEVILALGWSQPCDVWSIGCILIEYYLGFTVFPTHDSK
EHLAMMERILGPLPKHMIQKTRKRKYFHHDRLDWDEHSSAGRYVSRACKPLKEFMLSQDVEHERLFDLIQKMLEYDPAKR
ITLREALKHPFFDLLKKSI
;
_entity_poly.pdbx_strand_id   A
#
# COMPACT_ATOMS: atom_id res chain seq x y z
N SER A 1 19.19 13.83 17.66
CA SER A 1 18.14 13.62 16.62
C SER A 1 18.69 12.89 15.41
N MET A 2 17.79 12.28 14.64
CA MET A 2 18.23 11.52 13.48
C MET A 2 19.04 12.34 12.47
N HIS A 3 18.65 13.60 12.30
CA HIS A 3 19.34 14.56 11.44
C HIS A 3 20.88 14.57 11.67
N LEU A 4 21.28 14.28 12.90
CA LEU A 4 22.69 14.33 13.23
C LEU A 4 23.51 13.17 12.67
N ILE A 5 22.85 12.10 12.22
CA ILE A 5 23.54 10.85 11.92
C ILE A 5 23.17 10.25 10.55
N CYS A 6 22.41 11.01 9.77
CA CYS A 6 21.93 10.53 8.48
C CYS A 6 22.39 11.35 7.29
N GLN A 7 23.52 12.09 7.41
CA GLN A 7 24.04 12.99 6.32
C GLN A 7 24.96 12.31 5.29
N SER A 8 24.99 12.80 4.04
CA SER A 8 25.96 12.26 3.06
C SER A 8 27.37 12.23 3.61
N GLY A 9 28.04 11.11 3.41
CA GLY A 9 29.41 10.91 3.91
C GLY A 9 29.49 10.29 5.30
N ASP A 10 28.40 10.32 6.06
CA ASP A 10 28.34 9.58 7.31
C ASP A 10 28.55 8.08 7.04
N VAL A 11 29.24 7.41 7.95
CA VAL A 11 29.50 5.98 7.80
C VAL A 11 28.81 5.24 8.95
N LEU A 12 27.98 4.25 8.59
CA LEU A 12 27.24 3.47 9.57
C LEU A 12 27.81 2.08 9.72
N SER A 13 27.87 1.58 10.97
CA SER A 13 28.36 0.23 11.23
C SER A 13 29.76 -0.03 10.66
N ALA A 14 30.57 1.03 10.63
CA ALA A 14 31.92 1.00 10.02
C ALA A 14 31.94 0.39 8.64
N ARG A 15 30.82 0.59 7.91
CA ARG A 15 30.67 -0.14 6.70
C ARG A 15 29.83 0.59 5.59
N TYR A 16 28.85 1.22 5.92
CA TYR A 16 27.89 1.79 4.98
C TYR A 16 28.07 3.29 4.91
N GLU A 17 28.48 3.78 3.74
CA GLU A 17 28.71 5.18 3.53
C GLU A 17 27.49 5.82 2.86
N ILE A 18 26.89 6.80 3.51
CA ILE A 18 25.68 7.46 3.02
C ILE A 18 25.99 8.26 1.78
N VAL A 19 25.27 8.02 0.71
CA VAL A 19 25.39 8.87 -0.48
C VAL A 19 24.18 9.75 -0.82
N ASP A 20 22.98 9.43 -0.35
CA ASP A 20 21.75 10.17 -0.70
C ASP A 20 20.59 9.74 0.22
N THR A 21 19.57 10.57 0.39
CA THR A 21 18.31 10.16 1.05
C THR A 21 17.33 9.70 -0.03
N LEU A 22 16.73 8.53 0.21
CA LEU A 22 15.72 7.95 -0.71
C LEU A 22 14.28 8.35 -0.35
N GLY A 23 13.94 8.39 0.92
CA GLY A 23 12.56 8.72 1.33
C GLY A 23 12.46 8.85 2.85
N GLU A 24 11.32 9.36 3.30
CA GLU A 24 11.07 9.57 4.72
C GLU A 24 9.64 9.14 4.97
N GLY A 25 9.39 8.60 6.16
CA GLY A 25 8.06 8.20 6.56
C GLY A 25 7.92 8.41 8.03
N ALA A 26 6.78 7.98 8.60
CA ALA A 26 6.57 8.18 10.04
C ALA A 26 7.67 7.51 10.86
N PHE A 27 8.18 6.38 10.35
CA PHE A 27 9.18 5.57 11.02
C PHE A 27 10.58 6.21 11.12
N GLY A 28 10.87 7.21 10.28
CA GLY A 28 12.25 7.69 10.05
C GLY A 28 12.54 7.95 8.59
N LYS A 29 13.71 7.52 8.12
CA LYS A 29 14.15 7.84 6.76
C LYS A 29 14.86 6.65 6.15
N VAL A 30 14.93 6.58 4.82
CA VAL A 30 15.68 5.55 4.15
C VAL A 30 16.77 6.28 3.35
N VAL A 31 18.01 5.84 3.54
CA VAL A 31 19.17 6.40 2.85
C VAL A 31 19.81 5.36 1.93
N GLU A 32 20.40 5.84 0.83
CA GLU A 32 21.19 4.99 -0.06
C GLU A 32 22.65 5.02 0.45
N CYS A 33 23.24 3.83 0.58
CA CYS A 33 24.63 3.69 1.05
C CYS A 33 25.49 2.84 0.11
N ILE A 34 26.79 3.13 0.08
CA ILE A 34 27.78 2.22 -0.45
C ILE A 34 28.24 1.26 0.68
N ASP A 35 28.12 -0.03 0.42
CA ASP A 35 28.59 -1.05 1.36
C ASP A 35 30.05 -1.43 1.06
N HIS A 36 30.96 -0.83 1.81
CA HIS A 36 32.40 -1.06 1.65
C HIS A 36 32.89 -2.47 1.97
N LYS A 37 32.07 -3.25 2.68
CA LYS A 37 32.42 -4.64 2.99
C LYS A 37 31.69 -5.66 2.14
N ALA A 38 30.99 -5.20 1.11
CA ALA A 38 30.40 -6.07 0.08
C ALA A 38 30.70 -5.57 -1.31
N GLY A 39 31.97 -5.24 -1.56
CA GLY A 39 32.40 -4.90 -2.89
C GLY A 39 31.82 -3.61 -3.43
N GLY A 40 31.34 -2.73 -2.55
CA GLY A 40 30.83 -1.46 -3.00
C GLY A 40 29.38 -1.47 -3.45
N ARG A 41 28.64 -2.55 -3.14
CA ARG A 41 27.23 -2.67 -3.45
C ARG A 41 26.47 -1.48 -2.89
N HIS A 42 25.58 -0.87 -3.68
CA HIS A 42 24.68 0.16 -3.14
C HIS A 42 23.47 -0.54 -2.57
N VAL A 43 23.11 -0.11 -1.37
CA VAL A 43 22.05 -0.69 -0.56
C VAL A 43 21.16 0.45 -0.02
N ALA A 44 20.00 0.08 0.51
CA ALA A 44 19.10 1.04 1.19
C ALA A 44 19.15 0.70 2.66
N VAL A 45 19.29 1.72 3.48
CA VAL A 45 19.28 1.56 4.94
C VAL A 45 18.16 2.38 5.51
N LYS A 46 17.23 1.69 6.15
CA LYS A 46 16.12 2.30 6.88
C LYS A 46 16.59 2.62 8.29
N ILE A 47 16.64 3.90 8.58
CA ILE A 47 17.04 4.42 9.89
C ILE A 47 15.77 4.83 10.66
N VAL A 48 15.53 4.12 11.75
CA VAL A 48 14.29 4.20 12.47
C VAL A 48 14.41 5.16 13.64
N LYS A 49 13.38 5.99 13.81
CA LYS A 49 13.29 6.93 14.96
C LYS A 49 13.53 6.23 16.29
N ASN A 50 14.27 6.88 17.19
CA ASN A 50 14.44 6.31 18.54
C ASN A 50 13.22 6.69 19.36
N VAL A 51 12.11 6.06 19.01
CA VAL A 51 10.78 6.31 19.59
C VAL A 51 10.13 4.92 19.75
N ASP A 52 9.63 4.64 20.95
CA ASP A 52 9.11 3.35 21.39
C ASP A 52 8.28 2.61 20.31
N ARG A 53 7.24 3.25 19.82
CA ARG A 53 6.33 2.58 18.88
C ARG A 53 7.06 2.17 17.59
N TYR A 54 7.94 3.03 17.10
CA TYR A 54 8.71 2.77 15.84
C TYR A 54 9.84 1.75 16.06
N CYS A 55 10.48 1.78 17.23
CA CYS A 55 11.44 0.76 17.58
C CYS A 55 10.79 -0.64 17.62
N GLU A 56 9.62 -0.71 18.22
CA GLU A 56 8.89 -1.97 18.35
C GLU A 56 8.53 -2.52 16.95
N ALA A 57 8.02 -1.64 16.11
CA ALA A 57 7.63 -1.98 14.73
C ALA A 57 8.86 -2.49 13.95
N ALA A 58 10.01 -1.86 14.17
CA ALA A 58 11.24 -2.25 13.46
C ALA A 58 11.67 -3.63 13.89
N ARG A 59 11.61 -3.89 15.20
CA ARG A 59 11.99 -5.23 15.68
C ARG A 59 11.04 -6.29 15.07
N SER A 60 9.74 -5.96 15.01
CA SER A 60 8.75 -6.88 14.43
C SER A 60 9.02 -7.08 12.91
N GLU A 61 9.35 -5.99 12.22
CA GLU A 61 9.66 -6.03 10.79
C GLU A 61 10.85 -6.96 10.51
N ILE A 62 11.89 -6.84 11.32
CA ILE A 62 13.04 -7.72 11.22
C ILE A 62 12.64 -9.19 11.34
N GLN A 63 11.76 -9.49 12.31
CA GLN A 63 11.32 -10.87 12.50
C GLN A 63 10.54 -11.36 11.30
N VAL A 64 9.62 -10.52 10.80
CA VAL A 64 8.82 -10.89 9.61
C VAL A 64 9.71 -11.10 8.38
N LEU A 65 10.64 -10.19 8.16
CA LEU A 65 11.54 -10.31 7.02
C LEU A 65 12.46 -11.54 7.09
N GLU A 66 12.96 -11.86 8.27
CA GLU A 66 13.74 -13.11 8.44
C GLU A 66 12.92 -14.32 7.99
N HIS A 67 11.66 -14.37 8.41
CA HIS A 67 10.73 -15.44 8.02
C HIS A 67 10.51 -15.45 6.51
N LEU A 68 10.13 -14.31 5.96
CA LEU A 68 9.75 -14.29 4.54
C LEU A 68 10.93 -14.59 3.66
N ASN A 69 12.08 -14.04 4.02
CA ASN A 69 13.24 -14.17 3.18
C ASN A 69 13.81 -15.60 3.24
N THR A 70 13.75 -16.24 4.40
CA THR A 70 14.07 -17.68 4.49
C THR A 70 13.07 -18.60 3.81
N THR A 71 11.80 -18.23 3.81
CA THR A 71 10.77 -19.02 3.18
C THR A 71 10.87 -18.92 1.62
N ASP A 72 11.28 -17.75 1.11
CA ASP A 72 11.37 -17.46 -0.33
C ASP A 72 12.75 -16.89 -0.66
N PRO A 73 13.78 -17.73 -0.61
CA PRO A 73 15.12 -17.23 -0.74
C PRO A 73 15.42 -16.68 -2.12
N ASN A 74 14.69 -17.13 -3.14
CA ASN A 74 14.94 -16.62 -4.51
C ASN A 74 14.14 -15.31 -4.79
N SER A 75 13.34 -14.85 -3.82
CA SER A 75 12.39 -13.67 -3.93
C SER A 75 11.43 -13.85 -5.08
N THR A 76 10.98 -15.10 -5.26
CA THR A 76 10.05 -15.40 -6.33
C THR A 76 8.75 -14.60 -6.17
N PHE A 77 8.38 -14.34 -4.92
CA PHE A 77 7.14 -13.64 -4.58
C PHE A 77 7.32 -12.12 -4.34
N ARG A 78 8.51 -11.63 -4.62
CA ARG A 78 8.75 -10.19 -4.75
C ARG A 78 8.56 -9.35 -3.49
N CYS A 79 8.69 -9.95 -2.31
CA CYS A 79 8.92 -9.16 -1.08
C CYS A 79 10.37 -8.70 -1.05
N VAL A 80 10.59 -7.49 -0.57
CA VAL A 80 11.96 -6.94 -0.48
C VAL A 80 12.89 -7.83 0.39
N GLN A 81 14.15 -7.96 -0.04
CA GLN A 81 15.14 -8.72 0.69
C GLN A 81 15.89 -7.83 1.70
N MET A 82 15.84 -8.26 2.97
CA MET A 82 16.62 -7.66 4.04
C MET A 82 17.97 -8.35 4.07
N LEU A 83 19.02 -7.56 4.22
CA LEU A 83 20.41 -8.06 4.19
C LEU A 83 20.98 -8.26 5.58
N GLU A 84 20.70 -7.31 6.45
CA GLU A 84 21.09 -7.35 7.87
C GLU A 84 20.49 -6.16 8.61
N TRP A 85 20.73 -6.10 9.90
CA TRP A 85 20.35 -4.94 10.70
C TRP A 85 21.41 -4.69 11.74
N PHE A 86 21.40 -3.46 12.26
CA PHE A 86 22.37 -3.07 13.28
C PHE A 86 21.83 -1.87 14.03
N GLU A 87 22.55 -1.39 15.05
CA GLU A 87 22.15 -0.24 15.83
C GLU A 87 23.23 0.82 15.72
N HIS A 88 22.79 2.07 15.63
CA HIS A 88 23.67 3.21 15.35
C HIS A 88 23.22 4.41 16.14
N HIS A 89 24.05 4.82 17.11
CA HIS A 89 23.65 5.90 18.02
C HIS A 89 22.24 5.73 18.56
N GLY A 90 21.90 4.49 18.92
CA GLY A 90 20.59 4.23 19.50
C GLY A 90 19.47 3.98 18.52
N HIS A 91 19.74 4.14 17.23
CA HIS A 91 18.69 3.92 16.20
C HIS A 91 18.85 2.53 15.60
N ILE A 92 17.74 1.83 15.45
CA ILE A 92 17.74 0.57 14.71
C ILE A 92 17.88 0.96 13.24
N CYS A 93 18.77 0.28 12.54
CA CYS A 93 18.98 0.46 11.11
C CYS A 93 18.84 -0.91 10.42
N ILE A 94 18.02 -0.94 9.38
CA ILE A 94 17.78 -2.16 8.62
C ILE A 94 18.29 -1.97 7.20
N VAL A 95 19.11 -2.92 6.74
CA VAL A 95 19.74 -2.83 5.43
C VAL A 95 18.94 -3.71 4.46
N PHE A 96 18.62 -3.15 3.31
CA PHE A 96 17.85 -3.82 2.25
C PHE A 96 18.57 -3.76 0.91
N GLU A 97 18.18 -4.66 0.01
CA GLU A 97 18.45 -4.40 -1.40
C GLU A 97 17.94 -3.00 -1.80
N LEU A 98 18.67 -2.33 -2.69
CA LEU A 98 18.26 -1.03 -3.21
C LEU A 98 17.28 -1.20 -4.38
N LEU A 99 16.14 -0.52 -4.24
CA LEU A 99 15.09 -0.49 -5.28
C LEU A 99 15.01 0.91 -5.88
N GLY A 100 14.14 1.07 -6.85
CA GLY A 100 13.84 2.38 -7.43
C GLY A 100 12.76 3.15 -6.71
N LEU A 101 12.14 4.10 -7.40
CA LEU A 101 11.12 4.94 -6.79
C LEU A 101 9.91 4.13 -6.36
N SER A 102 9.30 4.57 -5.25
CA SER A 102 7.98 4.07 -4.89
C SER A 102 6.99 4.46 -5.99
N THR A 103 5.93 3.68 -6.08
CA THR A 103 4.89 3.99 -7.04
C THR A 103 4.28 5.35 -6.76
N TYR A 104 4.20 5.73 -5.48
CA TYR A 104 3.72 7.06 -5.11
C TYR A 104 4.63 8.16 -5.70
N ASP A 105 5.94 8.02 -5.44
CA ASP A 105 6.91 9.04 -5.89
C ASP A 105 6.95 9.13 -7.42
N PHE A 106 6.76 8.00 -8.09
CA PHE A 106 6.68 8.01 -9.55
C PHE A 106 5.50 8.85 -10.02
N ILE A 107 4.32 8.59 -9.44
CA ILE A 107 3.12 9.33 -9.82
C ILE A 107 3.32 10.83 -9.56
N LYS A 108 3.89 11.14 -8.41
CA LYS A 108 4.15 12.52 -7.99
C LYS A 108 5.06 13.21 -8.99
N GLU A 109 6.16 12.55 -9.36
CA GLU A 109 7.13 13.15 -10.29
C GLU A 109 6.61 13.21 -11.73
N ASN A 110 5.55 12.44 -12.00
CA ASN A 110 4.80 12.45 -13.26
C ASN A 110 3.61 13.41 -13.19
N GLY A 111 3.65 14.40 -12.31
CA GLY A 111 2.57 15.40 -12.28
C GLY A 111 1.22 14.86 -11.86
N PHE A 112 1.27 13.76 -11.10
CA PHE A 112 0.10 13.01 -10.62
C PHE A 112 -0.74 12.46 -11.79
N LEU A 113 -0.07 12.17 -12.90
CA LEU A 113 -0.75 11.48 -14.00
C LEU A 113 -0.80 9.99 -13.75
N PRO A 114 -1.86 9.32 -14.22
CA PRO A 114 -1.96 7.88 -13.99
C PRO A 114 -1.09 7.01 -14.86
N PHE A 115 -0.98 5.75 -14.45
CA PHE A 115 -0.31 4.74 -15.24
C PHE A 115 -1.18 4.24 -16.38
N ARG A 116 -0.50 3.84 -17.47
CA ARG A 116 -1.14 3.19 -18.61
C ARG A 116 -1.68 1.80 -18.18
N LEU A 117 -2.79 1.39 -18.78
CA LEU A 117 -3.47 0.16 -18.35
C LEU A 117 -2.62 -1.09 -18.40
N ASP A 118 -1.79 -1.23 -19.45
CA ASP A 118 -0.91 -2.41 -19.55
C ASP A 118 0.09 -2.51 -18.39
N HIS A 119 0.60 -1.37 -17.95
CA HIS A 119 1.42 -1.33 -16.74
C HIS A 119 0.65 -1.64 -15.47
N ILE A 120 -0.55 -1.07 -15.32
CA ILE A 120 -1.42 -1.38 -14.19
C ILE A 120 -1.65 -2.90 -14.09
N ARG A 121 -1.90 -3.56 -15.23
CA ARG A 121 -2.16 -5.00 -15.18
C ARG A 121 -0.96 -5.79 -14.63
N LYS A 122 0.24 -5.47 -15.11
CA LYS A 122 1.45 -6.16 -14.71
C LYS A 122 1.73 -5.88 -13.23
N MET A 123 1.56 -4.62 -12.83
CA MET A 123 1.79 -4.22 -11.41
C MET A 123 0.78 -4.90 -10.47
N ALA A 124 -0.50 -4.90 -10.86
CA ALA A 124 -1.57 -5.53 -10.07
C ALA A 124 -1.30 -7.02 -9.87
N TYR A 125 -0.91 -7.71 -10.94
CA TYR A 125 -0.63 -9.14 -10.85
C TYR A 125 0.51 -9.40 -9.83
N GLN A 126 1.57 -8.62 -9.94
CA GLN A 126 2.71 -8.79 -9.03
C GLN A 126 2.34 -8.45 -7.60
N ILE A 127 1.61 -7.36 -7.40
CA ILE A 127 1.15 -7.01 -6.04
C ILE A 127 0.29 -8.13 -5.44
N CYS A 128 -0.67 -8.64 -6.22
CA CYS A 128 -1.51 -9.75 -5.77
C CYS A 128 -0.74 -11.02 -5.43
N LYS A 129 0.26 -11.34 -6.26
CA LYS A 129 1.04 -12.56 -6.06
C LYS A 129 1.89 -12.41 -4.77
N SER A 130 2.42 -11.22 -4.57
CA SER A 130 3.31 -10.95 -3.41
C SER A 130 2.52 -10.97 -2.13
N VAL A 131 1.42 -10.22 -2.11
CA VAL A 131 0.58 -10.21 -0.90
C VAL A 131 -0.10 -11.55 -0.65
N ASN A 132 -0.43 -12.28 -1.73
CA ASN A 132 -0.96 -13.63 -1.54
C ASN A 132 0.03 -14.57 -0.82
N PHE A 133 1.30 -14.38 -1.10
CA PHE A 133 2.39 -15.12 -0.42
C PHE A 133 2.39 -14.80 1.08
N LEU A 134 2.20 -13.52 1.46
CA LEU A 134 2.02 -13.20 2.87
C LEU A 134 0.81 -13.95 3.45
N HIS A 135 -0.31 -13.91 2.71
CA HIS A 135 -1.57 -14.52 3.15
C HIS A 135 -1.43 -16.02 3.35
N SER A 136 -0.61 -16.66 2.51
CA SER A 136 -0.30 -18.10 2.60
C SER A 136 0.54 -18.49 3.84
N ASN A 137 1.14 -17.49 4.47
CA ASN A 137 2.06 -17.64 5.59
C ASN A 137 1.50 -16.99 6.86
N LYS A 138 0.18 -16.91 6.90
CA LYS A 138 -0.58 -16.47 8.06
C LYS A 138 -0.25 -15.04 8.45
N LEU A 139 -0.01 -14.20 7.46
CA LEU A 139 0.29 -12.80 7.68
C LEU A 139 -0.72 -11.91 6.95
N THR A 140 -0.91 -10.73 7.52
CA THR A 140 -1.60 -9.63 6.88
C THR A 140 -0.67 -8.43 6.88
N HIS A 141 -0.56 -7.73 5.75
CA HIS A 141 0.35 -6.58 5.66
C HIS A 141 -0.17 -5.40 6.48
N THR A 142 -1.42 -5.03 6.22
CA THR A 142 -2.21 -3.99 6.92
C THR A 142 -1.93 -2.56 6.49
N ASP A 143 -0.83 -2.32 5.77
CA ASP A 143 -0.49 -0.94 5.35
C ASP A 143 -0.04 -0.87 3.91
N LEU A 144 -0.83 -1.50 3.04
CA LEU A 144 -0.58 -1.41 1.63
C LEU A 144 -1.03 -0.05 1.13
N LYS A 145 -0.14 0.58 0.37
CA LYS A 145 -0.39 1.88 -0.20
C LYS A 145 0.71 2.11 -1.25
N PRO A 146 0.51 3.06 -2.14
CA PRO A 146 1.53 3.23 -3.20
C PRO A 146 2.95 3.54 -2.71
N GLU A 147 3.11 4.14 -1.52
CA GLU A 147 4.40 4.44 -0.95
C GLU A 147 5.15 3.15 -0.58
N ASN A 148 4.40 2.05 -0.37
CA ASN A 148 4.99 0.77 0.05
C ASN A 148 5.07 -0.28 -1.06
N ILE A 149 4.90 0.18 -2.29
CA ILE A 149 5.15 -0.61 -3.50
C ILE A 149 6.21 0.14 -4.31
N LEU A 150 7.35 -0.53 -4.52
CA LEU A 150 8.48 0.11 -5.15
C LEU A 150 8.82 -0.54 -6.47
N PHE A 151 9.13 0.30 -7.44
CA PHE A 151 9.70 -0.20 -8.72
C PHE A 151 11.09 -0.76 -8.49
N VAL A 152 11.37 -1.91 -9.07
CA VAL A 152 12.73 -2.45 -9.11
C VAL A 152 13.71 -1.47 -9.79
N GLN A 153 13.24 -0.84 -10.88
CA GLN A 153 14.02 0.12 -11.62
C GLN A 153 13.02 1.11 -12.27
N SER A 154 13.21 2.39 -12.01
CA SER A 154 12.20 3.37 -12.35
C SER A 154 12.55 4.29 -13.53
N ASP A 155 13.50 3.85 -14.36
CA ASP A 155 13.74 4.55 -15.61
C ASP A 155 12.49 4.70 -16.45
N TYR A 156 12.38 5.85 -17.14
CA TYR A 156 11.21 6.18 -17.94
C TYR A 156 11.62 6.85 -19.24
N THR A 157 10.69 6.85 -20.20
CA THR A 157 10.75 7.71 -21.38
C THR A 157 9.69 8.79 -21.24
N GLU A 158 9.89 9.91 -21.91
CA GLU A 158 8.92 11.00 -21.76
C GLU A 158 8.47 11.46 -23.15
N ALA A 159 7.18 11.74 -23.27
CA ALA A 159 6.63 12.23 -24.55
C ALA A 159 5.38 13.06 -24.32
N TYR A 160 5.08 13.96 -25.26
CA TYR A 160 3.91 14.83 -25.10
C TYR A 160 2.67 14.04 -25.46
N ASN A 161 1.61 14.21 -24.69
CA ASN A 161 0.33 13.60 -24.99
C ASN A 161 -0.67 14.70 -25.34
N ARG A 166 -0.45 17.10 -21.94
CA ARG A 166 0.55 16.86 -20.90
C ARG A 166 1.74 16.07 -21.44
N ASP A 167 2.95 16.49 -21.10
CA ASP A 167 4.12 15.58 -21.17
C ASP A 167 3.93 14.47 -20.13
N GLU A 168 4.14 13.21 -20.54
CA GLU A 168 3.95 12.05 -19.66
C GLU A 168 5.21 11.25 -19.64
N ARG A 169 5.49 10.67 -18.48
CA ARG A 169 6.57 9.76 -18.27
C ARG A 169 6.02 8.35 -18.29
N THR A 170 6.69 7.47 -19.04
CA THR A 170 6.25 6.07 -19.16
C THR A 170 7.38 5.15 -18.72
N LEU A 171 7.08 4.27 -17.77
CA LEU A 171 8.06 3.29 -17.31
C LEU A 171 8.60 2.40 -18.43
N ILE A 172 9.88 2.11 -18.37
CA ILE A 172 10.49 1.10 -19.24
C ILE A 172 10.12 -0.30 -18.75
N ASN A 173 10.24 -0.53 -17.43
CA ASN A 173 9.98 -1.81 -16.85
C ASN A 173 9.21 -1.57 -15.56
N PRO A 174 7.94 -2.01 -15.50
CA PRO A 174 7.09 -1.75 -14.33
C PRO A 174 7.15 -2.78 -13.18
N ASP A 175 8.16 -3.67 -13.18
CA ASP A 175 8.29 -4.70 -12.14
C ASP A 175 8.37 -4.01 -10.76
N ILE A 176 7.68 -4.59 -9.77
CA ILE A 176 7.66 -4.05 -8.40
C ILE A 176 8.13 -5.05 -7.34
N LYS A 177 8.32 -4.51 -6.14
CA LYS A 177 8.47 -5.30 -4.91
C LYS A 177 7.59 -4.62 -3.83
N VAL A 178 7.14 -5.41 -2.87
CA VAL A 178 6.37 -4.90 -1.72
C VAL A 178 7.36 -4.71 -0.56
N VAL A 179 7.22 -3.57 0.10
CA VAL A 179 8.05 -3.22 1.25
C VAL A 179 7.19 -2.87 2.48
N ASP A 180 7.89 -2.69 3.59
CA ASP A 180 7.38 -2.17 4.86
C ASP A 180 6.54 -3.16 5.61
N PHE A 181 7.20 -3.94 6.45
CA PHE A 181 6.61 -5.00 7.22
C PHE A 181 6.51 -4.71 8.70
N GLY A 182 6.56 -3.42 9.01
CA GLY A 182 6.49 -2.94 10.40
C GLY A 182 5.12 -3.03 11.07
N SER A 183 4.04 -3.12 10.29
CA SER A 183 2.68 -3.29 10.79
C SER A 183 2.14 -4.70 10.52
N ALA A 184 2.88 -5.54 9.78
CA ALA A 184 2.41 -6.87 9.40
C ALA A 184 2.14 -7.72 10.66
N THR A 185 1.02 -8.42 10.64
CA THR A 185 0.49 -9.14 11.77
C THR A 185 0.21 -10.59 11.43
N TYR A 186 0.68 -11.50 12.29
CA TYR A 186 0.34 -12.91 12.17
C TYR A 186 -1.08 -13.21 12.70
N ASP A 187 -1.65 -14.29 12.19
CA ASP A 187 -3.04 -14.67 12.49
C ASP A 187 -3.24 -14.79 14.00
N ASP A 188 -2.25 -15.36 14.69
CA ASP A 188 -2.34 -15.66 16.12
C ASP A 188 -1.86 -14.54 17.04
N GLU A 189 -1.49 -13.39 16.47
CA GLU A 189 -0.98 -12.27 17.26
C GLU A 189 -2.09 -11.28 17.52
N HIS A 190 -1.80 -10.35 18.43
CA HIS A 190 -2.70 -9.26 18.74
C HIS A 190 -2.94 -8.41 17.51
N HIS A 191 -4.20 -8.14 17.25
CA HIS A 191 -4.63 -7.27 16.17
C HIS A 191 -4.94 -5.88 16.71
N SER A 192 -4.19 -4.88 16.25
CA SER A 192 -4.42 -3.50 16.63
C SER A 192 -5.82 -3.07 16.25
N THR A 193 -6.43 -2.24 17.10
CA THR A 193 -7.77 -1.78 16.84
C THR A 193 -7.81 -1.01 15.53
N LEU A 194 -6.82 -0.16 15.30
CA LEU A 194 -6.74 0.63 14.07
C LEU A 194 -5.58 0.15 13.24
N VAL A 195 -5.82 -0.12 11.95
CA VAL A 195 -4.72 -0.34 11.00
C VAL A 195 -4.97 0.38 9.69
N SER A 196 -3.93 0.41 8.87
CA SER A 196 -3.94 0.97 7.54
C SER A 196 -3.89 2.48 7.57
N THR A 197 -3.45 3.05 6.45
CA THR A 197 -3.45 4.50 6.21
C THR A 197 -4.83 4.84 5.71
N ARG A 198 -5.38 5.97 6.15
CA ARG A 198 -6.82 6.23 6.03
C ARG A 198 -7.40 5.93 4.67
N HIS A 199 -6.78 6.46 3.61
CA HIS A 199 -7.38 6.34 2.28
C HIS A 199 -7.49 4.87 1.79
N TYR A 200 -6.75 3.95 2.44
CA TYR A 200 -6.66 2.54 1.98
C TYR A 200 -7.33 1.62 3.02
N ARG A 201 -7.99 2.21 4.02
CA ARG A 201 -8.54 1.47 5.14
C ARG A 201 -9.93 0.83 4.84
N ALA A 202 -10.02 -0.45 5.12
CA ALA A 202 -11.25 -1.25 4.90
C ALA A 202 -12.39 -0.92 5.86
N PRO A 203 -13.62 -1.13 5.40
CA PRO A 203 -14.80 -0.83 6.23
C PRO A 203 -14.87 -1.61 7.54
N GLU A 204 -14.46 -2.87 7.54
CA GLU A 204 -14.46 -3.67 8.79
C GLU A 204 -13.47 -3.12 9.80
N VAL A 205 -12.42 -2.45 9.32
CA VAL A 205 -11.48 -1.80 10.21
C VAL A 205 -12.14 -0.57 10.81
N ILE A 206 -12.69 0.29 9.95
CA ILE A 206 -13.37 1.50 10.42
C ILE A 206 -14.49 1.16 11.44
N LEU A 207 -15.24 0.09 11.18
CA LEU A 207 -16.38 -0.28 12.00
C LEU A 207 -16.03 -1.26 13.12
N ALA A 208 -14.75 -1.59 13.24
CA ALA A 208 -14.23 -2.36 14.37
C ALA A 208 -14.91 -3.72 14.49
N LEU A 209 -15.11 -4.37 13.36
CA LEU A 209 -15.80 -5.63 13.29
C LEU A 209 -14.83 -6.79 13.34
N GLY A 210 -13.54 -6.48 13.42
CA GLY A 210 -12.50 -7.48 13.28
C GLY A 210 -11.96 -7.44 11.86
N TRP A 211 -10.66 -7.70 11.75
CA TRP A 211 -9.98 -7.68 10.45
C TRP A 211 -8.97 -8.84 10.35
N SER A 212 -8.67 -9.20 9.12
CA SER A 212 -7.68 -10.22 8.80
C SER A 212 -7.25 -9.97 7.36
N GLN A 213 -6.84 -11.02 6.63
CA GLN A 213 -6.27 -10.86 5.29
C GLN A 213 -7.15 -10.05 4.34
N PRO A 214 -8.51 -10.20 4.40
CA PRO A 214 -9.30 -9.39 3.47
C PRO A 214 -9.09 -7.87 3.52
N CYS A 215 -8.67 -7.31 4.64
CA CYS A 215 -8.42 -5.87 4.67
C CYS A 215 -7.29 -5.41 3.69
N ASP A 216 -6.32 -6.30 3.40
CA ASP A 216 -5.28 -6.08 2.38
C ASP A 216 -5.89 -6.03 0.97
N VAL A 217 -6.91 -6.85 0.74
CA VAL A 217 -7.56 -6.91 -0.58
C VAL A 217 -8.27 -5.57 -0.85
N TRP A 218 -8.94 -5.05 0.16
CA TRP A 218 -9.55 -3.73 0.06
C TRP A 218 -8.48 -2.68 -0.27
N SER A 219 -7.40 -2.67 0.49
CA SER A 219 -6.31 -1.70 0.24
C SER A 219 -5.81 -1.77 -1.22
N ILE A 220 -5.65 -3.00 -1.71
CA ILE A 220 -5.19 -3.22 -3.08
C ILE A 220 -6.19 -2.64 -4.07
N GLY A 221 -7.49 -2.83 -3.84
CA GLY A 221 -8.50 -2.20 -4.73
C GLY A 221 -8.37 -0.68 -4.78
N CYS A 222 -8.17 -0.07 -3.63
CA CYS A 222 -7.94 1.38 -3.56
C CYS A 222 -6.66 1.82 -4.32
N ILE A 223 -5.61 1.04 -4.17
CA ILE A 223 -4.33 1.29 -4.88
C ILE A 223 -4.55 1.26 -6.39
N LEU A 224 -5.27 0.25 -6.87
CA LEU A 224 -5.49 0.13 -8.31
C LEU A 224 -6.30 1.30 -8.87
N ILE A 225 -7.29 1.77 -8.12
CA ILE A 225 -8.04 2.98 -8.55
C ILE A 225 -7.10 4.18 -8.64
N GLU A 226 -6.26 4.37 -7.61
CA GLU A 226 -5.23 5.48 -7.65
C GLU A 226 -4.28 5.36 -8.81
N TYR A 227 -3.86 4.14 -9.14
CA TYR A 227 -2.96 3.94 -10.31
C TYR A 227 -3.66 4.32 -11.61
N TYR A 228 -4.95 4.02 -11.65
CA TYR A 228 -5.78 4.29 -12.86
C TYR A 228 -6.11 5.76 -13.07
N LEU A 229 -6.35 6.47 -11.98
CA LEU A 229 -6.79 7.88 -12.03
C LEU A 229 -5.72 8.91 -11.71
N GLY A 230 -4.73 8.51 -10.91
CA GLY A 230 -3.72 9.45 -10.39
C GLY A 230 -4.08 10.12 -9.07
N PHE A 231 -5.26 9.79 -8.54
CA PHE A 231 -5.74 10.36 -7.29
C PHE A 231 -6.64 9.35 -6.58
N THR A 232 -6.81 9.53 -5.28
CA THR A 232 -7.76 8.72 -4.52
C THR A 232 -9.23 9.07 -4.75
N VAL A 233 -10.11 8.05 -4.71
CA VAL A 233 -11.55 8.32 -4.75
C VAL A 233 -12.13 8.60 -3.35
N PHE A 234 -11.27 8.50 -2.34
CA PHE A 234 -11.63 8.80 -0.93
C PHE A 234 -10.75 9.94 -0.36
N PRO A 235 -10.88 11.16 -0.92
CA PRO A 235 -10.09 12.33 -0.50
C PRO A 235 -10.58 12.95 0.83
N THR A 236 -10.27 12.30 1.94
CA THR A 236 -10.78 12.69 3.27
C THR A 236 -9.83 12.35 4.39
N HIS A 237 -9.99 13.03 5.51
CA HIS A 237 -9.24 12.77 6.71
C HIS A 237 -10.16 12.54 7.89
N ASP A 238 -11.38 12.07 7.62
CA ASP A 238 -12.38 11.86 8.67
C ASP A 238 -13.10 10.54 8.41
N SER A 239 -13.27 9.72 9.45
CA SER A 239 -13.82 8.36 9.33
C SER A 239 -15.28 8.38 8.88
N LYS A 240 -16.07 9.23 9.49
CA LYS A 240 -17.47 9.29 9.07
C LYS A 240 -17.63 9.80 7.64
N GLU A 241 -16.83 10.80 7.23
CA GLU A 241 -16.84 11.29 5.85
C GLU A 241 -16.40 10.16 4.92
N HIS A 242 -15.39 9.40 5.34
CA HIS A 242 -14.91 8.24 4.57
C HIS A 242 -16.05 7.25 4.29
N LEU A 243 -16.80 6.93 5.33
CA LEU A 243 -18.00 6.07 5.13
C LEU A 243 -19.06 6.68 4.21
N ALA A 244 -19.29 7.99 4.32
CA ALA A 244 -20.17 8.69 3.39
C ALA A 244 -19.69 8.59 1.94
N MET A 245 -18.38 8.71 1.74
CA MET A 245 -17.80 8.53 0.41
C MET A 245 -17.99 7.12 -0.11
N MET A 246 -17.77 6.13 0.75
CA MET A 246 -18.00 4.74 0.35
C MET A 246 -19.44 4.54 -0.12
N GLU A 247 -20.36 5.10 0.62
CA GLU A 247 -21.78 4.97 0.25
C GLU A 247 -22.10 5.56 -1.12
N ARG A 248 -21.51 6.72 -1.43
CA ARG A 248 -21.73 7.35 -2.74
C ARG A 248 -21.08 6.58 -3.91
N ILE A 249 -19.93 5.98 -3.66
CA ILE A 249 -19.19 5.27 -4.70
C ILE A 249 -19.64 3.82 -4.90
N LEU A 250 -19.95 3.16 -3.78
CA LEU A 250 -20.20 1.70 -3.73
C LEU A 250 -21.60 1.32 -3.28
N GLY A 251 -22.39 2.28 -2.85
CA GLY A 251 -23.73 1.98 -2.40
C GLY A 251 -23.82 1.80 -0.90
N PRO A 252 -25.03 1.55 -0.38
CA PRO A 252 -25.18 1.44 1.04
C PRO A 252 -24.42 0.26 1.70
N LEU A 253 -24.01 0.48 2.93
CA LEU A 253 -23.35 -0.52 3.72
C LEU A 253 -24.33 -1.66 4.01
N PRO A 254 -23.83 -2.90 4.09
CA PRO A 254 -24.72 -4.05 4.40
C PRO A 254 -25.39 -3.88 5.74
N LYS A 255 -26.69 -4.19 5.82
CA LYS A 255 -27.39 -4.05 7.09
C LYS A 255 -26.68 -4.76 8.25
N HIS A 256 -26.16 -5.95 7.98
CA HIS A 256 -25.58 -6.76 9.04
C HIS A 256 -24.33 -6.12 9.65
N MET A 257 -23.58 -5.39 8.82
CA MET A 257 -22.43 -4.70 9.33
C MET A 257 -22.83 -3.52 10.22
N ILE A 258 -23.86 -2.78 9.81
CA ILE A 258 -24.36 -1.68 10.61
C ILE A 258 -24.98 -2.24 11.88
N GLN A 259 -25.65 -3.39 11.77
CA GLN A 259 -26.31 -4.02 12.94
C GLN A 259 -25.28 -4.37 14.01
N LYS A 260 -24.15 -4.91 13.55
CA LYS A 260 -23.13 -5.51 14.45
C LYS A 260 -22.17 -4.50 15.08
N THR A 261 -21.90 -3.38 14.42
CA THR A 261 -20.82 -2.51 14.85
C THR A 261 -21.05 -1.81 16.18
N ARG A 262 -19.99 -1.77 17.00
CA ARG A 262 -19.93 -0.91 18.19
C ARG A 262 -19.70 0.56 17.91
N LYS A 263 -19.36 0.90 16.66
CA LYS A 263 -19.09 2.29 16.30
C LYS A 263 -20.39 3.05 16.04
N ARG A 264 -21.21 3.07 17.08
CA ARG A 264 -22.53 3.69 16.99
C ARG A 264 -22.46 5.19 16.71
N LYS A 265 -21.30 5.81 17.00
CA LYS A 265 -21.05 7.24 16.73
C LYS A 265 -21.30 7.65 15.29
N TYR A 266 -21.17 6.72 14.36
CA TYR A 266 -21.27 7.04 12.94
C TYR A 266 -22.69 6.97 12.47
N PHE A 267 -23.59 6.42 13.29
CA PHE A 267 -24.95 6.09 12.81
C PHE A 267 -26.07 6.76 13.60
N HIS A 268 -27.14 7.06 12.87
CA HIS A 268 -28.41 7.50 13.45
C HIS A 268 -29.40 6.37 13.14
N HIS A 269 -29.82 5.66 14.18
CA HIS A 269 -30.53 4.42 13.97
C HIS A 269 -29.75 3.49 13.02
N ASP A 270 -30.34 3.04 11.92
CA ASP A 270 -29.68 2.11 11.01
C ASP A 270 -29.07 2.77 9.77
N ARG A 271 -28.79 4.07 9.82
CA ARG A 271 -28.22 4.75 8.64
C ARG A 271 -27.11 5.66 9.07
N LEU A 272 -26.18 5.94 8.16
CA LEU A 272 -25.10 6.85 8.50
C LEU A 272 -25.64 8.20 8.99
N ASP A 273 -25.09 8.72 10.09
CA ASP A 273 -25.46 10.01 10.65
C ASP A 273 -24.77 11.12 9.88
N TRP A 274 -25.36 11.49 8.75
CA TRP A 274 -24.69 12.29 7.72
C TRP A 274 -25.58 13.38 7.15
N ASP A 275 -25.10 14.60 7.20
CA ASP A 275 -25.84 15.74 6.71
C ASP A 275 -25.31 16.07 5.33
N GLU A 276 -26.10 15.77 4.31
CA GLU A 276 -25.74 15.96 2.91
C GLU A 276 -25.51 17.43 2.58
N HIS A 277 -26.10 18.31 3.39
CA HIS A 277 -26.11 19.76 3.12
C HIS A 277 -25.07 20.61 3.86
N SER A 278 -24.29 20.00 4.77
CA SER A 278 -23.15 20.64 5.46
C SER A 278 -22.00 20.84 4.47
N SER A 279 -20.95 21.53 4.88
CA SER A 279 -19.74 21.71 4.05
C SER A 279 -19.16 20.36 3.59
N ALA A 280 -19.00 19.44 4.54
CA ALA A 280 -18.52 18.10 4.25
C ALA A 280 -19.49 17.34 3.34
N GLY A 281 -20.79 17.47 3.60
CA GLY A 281 -21.81 16.87 2.76
C GLY A 281 -21.80 17.35 1.31
N ARG A 282 -21.64 18.66 1.15
CA ARG A 282 -21.59 19.23 -0.18
C ARG A 282 -20.36 18.74 -0.93
N TYR A 283 -19.24 18.63 -0.23
CA TYR A 283 -17.98 18.19 -0.78
C TYR A 283 -18.06 16.72 -1.26
N VAL A 284 -18.56 15.87 -0.39
CA VAL A 284 -18.76 14.46 -0.77
C VAL A 284 -19.69 14.32 -2.00
N SER A 285 -20.80 15.04 -2.02
CA SER A 285 -21.72 15.01 -3.15
C SER A 285 -21.01 15.43 -4.46
N ARG A 286 -20.12 16.40 -4.35
CA ARG A 286 -19.37 16.91 -5.51
C ARG A 286 -18.26 15.94 -5.91
N ALA A 287 -17.52 15.47 -4.92
CA ALA A 287 -16.31 14.72 -5.16
C ALA A 287 -16.55 13.23 -5.51
N CYS A 288 -17.70 12.69 -5.12
CA CYS A 288 -17.91 11.23 -5.21
C CYS A 288 -19.07 10.89 -6.14
N LYS A 289 -18.99 9.72 -6.76
CA LYS A 289 -20.01 9.27 -7.67
C LYS A 289 -19.81 7.77 -7.80
N PRO A 290 -20.81 7.06 -8.33
CA PRO A 290 -20.65 5.60 -8.48
C PRO A 290 -19.35 5.16 -9.16
N LEU A 291 -18.75 4.09 -8.65
CA LEU A 291 -17.40 3.65 -9.07
C LEU A 291 -17.21 3.63 -10.60
N LYS A 292 -18.11 2.98 -11.32
CA LYS A 292 -17.94 2.84 -12.76
C LYS A 292 -17.97 4.13 -13.58
N GLU A 293 -18.48 5.22 -12.99
CA GLU A 293 -18.44 6.53 -13.63
C GLU A 293 -17.04 7.13 -13.64
N PHE A 294 -16.11 6.50 -12.92
CA PHE A 294 -14.72 6.98 -12.95
C PHE A 294 -13.96 6.40 -14.14
N MET A 295 -14.56 5.45 -14.85
CA MET A 295 -13.90 4.85 -15.98
C MET A 295 -13.54 5.88 -17.04
N LEU A 296 -12.35 5.71 -17.62
CA LEU A 296 -11.81 6.63 -18.60
C LEU A 296 -12.15 6.19 -20.02
N SER A 297 -12.65 4.97 -20.14
CA SER A 297 -12.97 4.34 -21.42
C SER A 297 -13.88 3.18 -21.13
N GLN A 298 -14.74 2.82 -22.09
CA GLN A 298 -15.58 1.62 -21.98
C GLN A 298 -15.01 0.42 -22.74
N ASP A 299 -13.79 0.53 -23.26
CA ASP A 299 -13.14 -0.64 -23.84
C ASP A 299 -13.17 -1.80 -22.84
N VAL A 300 -13.26 -3.03 -23.36
CA VAL A 300 -13.41 -4.21 -22.52
C VAL A 300 -12.24 -4.41 -21.54
N GLU A 301 -11.04 -3.99 -21.87
CA GLU A 301 -9.96 -4.15 -20.87
C GLU A 301 -10.20 -3.26 -19.63
N HIS A 302 -10.83 -2.12 -19.82
CA HIS A 302 -11.19 -1.25 -18.70
C HIS A 302 -12.33 -1.84 -17.89
N GLU A 303 -13.28 -2.45 -18.60
CA GLU A 303 -14.34 -3.17 -17.96
C GLU A 303 -13.80 -4.33 -17.11
N ARG A 304 -12.81 -5.06 -17.61
CA ARG A 304 -12.18 -6.16 -16.86
C ARG A 304 -11.53 -5.61 -15.56
N LEU A 305 -10.76 -4.52 -15.68
CA LEU A 305 -10.13 -3.92 -14.47
C LEU A 305 -11.19 -3.51 -13.47
N PHE A 306 -12.23 -2.81 -13.93
CA PHE A 306 -13.25 -2.34 -12.97
C PHE A 306 -14.10 -3.44 -12.32
N ASP A 307 -14.23 -4.57 -13.02
CA ASP A 307 -14.92 -5.73 -12.45
C ASP A 307 -14.07 -6.27 -11.27
N LEU A 308 -12.76 -6.31 -11.46
CA LEU A 308 -11.86 -6.77 -10.41
C LEU A 308 -11.88 -5.77 -9.22
N ILE A 309 -11.78 -4.50 -9.52
CA ILE A 309 -11.83 -3.48 -8.45
C ILE A 309 -13.11 -3.57 -7.64
N GLN A 310 -14.25 -3.71 -8.30
CA GLN A 310 -15.50 -3.80 -7.61
C GLN A 310 -15.53 -5.01 -6.67
N LYS A 311 -14.95 -6.15 -7.10
CA LYS A 311 -14.91 -7.34 -6.27
C LYS A 311 -13.98 -7.15 -5.05
N MET A 312 -12.89 -6.42 -5.26
CA MET A 312 -11.94 -6.12 -4.17
C MET A 312 -12.55 -5.16 -3.14
N LEU A 313 -13.46 -4.33 -3.59
CA LEU A 313 -14.16 -3.36 -2.75
C LEU A 313 -15.56 -3.84 -2.32
N GLU A 314 -15.75 -5.15 -2.27
CA GLU A 314 -16.92 -5.74 -1.65
C GLU A 314 -16.90 -5.36 -0.15
N TYR A 315 -18.02 -4.85 0.37
CA TYR A 315 -18.06 -4.48 1.76
C TYR A 315 -17.83 -5.62 2.74
N ASP A 316 -18.49 -6.75 2.51
CA ASP A 316 -18.43 -7.92 3.42
CA ASP A 316 -18.39 -7.87 3.47
C ASP A 316 -17.07 -8.61 3.26
N PRO A 317 -16.23 -8.61 4.31
CA PRO A 317 -14.89 -9.20 4.10
C PRO A 317 -14.84 -10.70 3.84
N ALA A 318 -15.90 -11.43 4.22
CA ALA A 318 -16.00 -12.85 3.89
C ALA A 318 -16.35 -13.07 2.43
N LYS A 319 -17.31 -12.30 1.91
CA LYS A 319 -17.63 -12.38 0.50
C LYS A 319 -16.53 -11.86 -0.40
N ARG A 320 -15.75 -10.90 0.09
CA ARG A 320 -14.73 -10.25 -0.71
C ARG A 320 -13.80 -11.28 -1.36
N ILE A 321 -13.48 -11.01 -2.61
CA ILE A 321 -12.59 -11.84 -3.38
C ILE A 321 -11.27 -12.02 -2.64
N THR A 322 -10.72 -13.22 -2.66
CA THR A 322 -9.37 -13.45 -2.10
C THR A 322 -8.32 -13.16 -3.16
N LEU A 323 -7.06 -13.00 -2.75
CA LEU A 323 -6.01 -12.82 -3.73
C LEU A 323 -5.77 -14.02 -4.64
N ARG A 324 -5.98 -15.22 -4.09
CA ARG A 324 -5.83 -16.47 -4.90
C ARG A 324 -6.86 -16.42 -6.05
N GLU A 325 -8.08 -16.00 -5.73
CA GLU A 325 -9.16 -15.81 -6.74
C GLU A 325 -8.88 -14.66 -7.71
N ALA A 326 -8.40 -13.54 -7.16
CA ALA A 326 -8.02 -12.38 -7.98
C ALA A 326 -7.03 -12.70 -9.06
N LEU A 327 -6.06 -13.56 -8.74
CA LEU A 327 -5.03 -13.95 -9.70
C LEU A 327 -5.60 -14.71 -10.90
N LYS A 328 -6.79 -15.30 -10.73
CA LYS A 328 -7.50 -16.01 -11.81
C LYS A 328 -8.51 -15.15 -12.55
N HIS A 329 -8.57 -13.87 -12.24
CA HIS A 329 -9.58 -12.99 -12.88
C HIS A 329 -9.27 -12.69 -14.36
N PRO A 330 -10.31 -12.53 -15.19
CA PRO A 330 -10.11 -12.17 -16.61
C PRO A 330 -9.19 -11.01 -16.93
N PHE A 331 -9.10 -10.01 -16.05
CA PHE A 331 -8.20 -8.89 -16.27
C PHE A 331 -6.77 -9.37 -16.55
N PHE A 332 -6.38 -10.48 -15.94
CA PHE A 332 -5.02 -11.02 -16.07
C PHE A 332 -4.85 -12.01 -17.21
N ASP A 333 -5.92 -12.35 -17.92
CA ASP A 333 -5.83 -13.36 -18.99
C ASP A 333 -4.83 -12.94 -20.08
N LEU A 334 -4.74 -11.64 -20.33
CA LEU A 334 -3.75 -11.07 -21.26
C LEU A 334 -2.29 -11.40 -20.91
N LEU A 335 -1.97 -11.50 -19.62
CA LEU A 335 -0.62 -11.89 -19.15
C LEU A 335 -0.31 -13.36 -19.32
N LYS A 336 -1.34 -14.15 -19.57
CA LYS A 336 -1.22 -15.60 -19.59
C LYS A 336 -1.26 -16.10 -21.03
N LYS A 337 -1.15 -15.19 -21.99
CA LYS A 337 -1.13 -15.53 -23.40
C LYS A 337 0.30 -15.84 -23.83
#